data_8SUV
#
_entry.id   8SUV
#
_cell.length_a   46.526
_cell.length_b   82.356
_cell.length_c   78.394
_cell.angle_alpha   90.000
_cell.angle_beta   90.030
_cell.angle_gamma   90.000
#
_symmetry.space_group_name_H-M   'P 1 21 1'
#
loop_
_entity.id
_entity.type
_entity.pdbx_description
1 polymer 'E3 ubiquitin-protein ligase CHIP'
2 polymer 'Cysteine-rich hydrophobic domain-containing protein 2'
3 non-polymer 'SULFATE ION'
4 water water
#
loop_
_entity_poly.entity_id
_entity_poly.type
_entity_poly.pdbx_seq_one_letter_code
_entity_poly.pdbx_strand_id
1 'polypeptide(L)'
;GAMGSEKSPSAQELKEQGNRLFVGRKYPEAAACYGRAITRNPLVAVYYTNRALCYLKMQQHEQALADCRRALELDGQSVK
AHFFLGQCQLEMESYDEAIANLQRAYSLAKEQRLNFGDDIPSALRIAKKKRWNSIEERR
;
A,B,C,D
2 'polypeptide(L)' EFLPKTPIFRPD F,G,H,I
#
# COMPACT_ATOMS: atom_id res chain seq x y z
N SER A 8 18.56 -20.46 -21.44
CA SER A 8 19.42 -21.14 -20.44
C SER A 8 18.76 -21.12 -19.05
N PRO A 9 18.25 -19.99 -18.52
CA PRO A 9 17.68 -20.01 -17.17
C PRO A 9 16.37 -20.80 -17.09
N SER A 10 16.28 -21.68 -16.10
CA SER A 10 15.02 -22.36 -15.74
C SER A 10 13.99 -21.39 -15.13
N ALA A 11 12.74 -21.81 -15.16
CA ALA A 11 11.60 -21.01 -14.67
C ALA A 11 11.76 -20.85 -13.16
N GLN A 12 12.17 -21.93 -12.51
CA GLN A 12 12.51 -21.88 -11.08
C GLN A 12 13.63 -20.86 -10.86
N GLU A 13 14.71 -20.99 -11.63
CA GLU A 13 15.81 -20.01 -11.55
C GLU A 13 15.25 -18.60 -11.65
N LEU A 14 14.44 -18.34 -12.67
CA LEU A 14 13.94 -16.97 -12.92
C LEU A 14 13.06 -16.51 -11.76
N LYS A 15 12.23 -17.39 -11.24
CA LYS A 15 11.38 -17.04 -10.08
C LYS A 15 12.27 -16.67 -8.91
N GLU A 16 13.31 -17.45 -8.70
CA GLU A 16 14.21 -17.21 -7.56
C GLU A 16 14.87 -15.84 -7.75
N GLN A 17 15.23 -15.53 -8.99
CA GLN A 17 15.84 -14.21 -9.25
C GLN A 17 14.81 -13.14 -8.92
N GLY A 18 13.59 -13.34 -9.38
CA GLY A 18 12.51 -12.38 -9.10
C GLY A 18 12.42 -12.14 -7.61
N ASN A 19 12.46 -13.22 -6.84
CA ASN A 19 12.28 -13.11 -5.37
C ASN A 19 13.40 -12.26 -4.77
N ARG A 20 14.61 -12.40 -5.29
CA ARG A 20 15.77 -11.64 -4.76
C ARG A 20 15.63 -10.17 -5.12
N LEU A 21 15.19 -9.88 -6.34
CA LEU A 21 14.85 -8.51 -6.74
C LEU A 21 13.75 -7.98 -5.82
N PHE A 22 12.75 -8.82 -5.51
CA PHE A 22 11.64 -8.37 -4.63
C PHE A 22 12.22 -7.95 -3.28
N VAL A 23 13.17 -8.74 -2.79
CA VAL A 23 13.83 -8.44 -1.48
C VAL A 23 14.50 -7.07 -1.58
N GLY A 24 15.06 -6.75 -2.75
CA GLY A 24 15.76 -5.49 -2.97
C GLY A 24 14.81 -4.36 -3.28
N ARG A 25 13.52 -4.65 -3.26
CA ARG A 25 12.48 -3.62 -3.53
C ARG A 25 12.60 -3.17 -5.00
N LYS A 26 13.15 -4.03 -5.85
CA LYS A 26 13.13 -3.76 -7.31
C LYS A 26 11.93 -4.49 -7.92
N TYR A 27 10.75 -3.90 -7.76
CA TYR A 27 9.49 -4.58 -8.13
C TYR A 27 9.25 -4.69 -9.64
N PRO A 28 9.41 -3.63 -10.46
CA PRO A 28 9.18 -3.78 -11.89
C PRO A 28 10.14 -4.83 -12.48
N GLU A 29 11.37 -4.84 -11.99
CA GLU A 29 12.35 -5.86 -12.42
C GLU A 29 11.86 -7.25 -12.02
N ALA A 30 11.45 -7.37 -10.76
CA ALA A 30 11.02 -8.68 -10.24
C ALA A 30 9.85 -9.16 -11.07
N ALA A 31 8.95 -8.26 -11.39
CA ALA A 31 7.74 -8.64 -12.14
C ALA A 31 8.16 -9.16 -13.51
N ALA A 32 9.18 -8.53 -14.06
CA ALA A 32 9.62 -8.95 -15.41
C ALA A 32 10.21 -10.36 -15.36
N CYS A 33 10.97 -10.65 -14.30
CA CYS A 33 11.58 -11.99 -14.16
C CYS A 33 10.47 -13.04 -14.04
N TYR A 34 9.43 -12.74 -13.26
CA TYR A 34 8.28 -13.69 -13.16
C TYR A 34 7.66 -13.85 -14.55
N GLY A 35 7.66 -12.78 -15.33
CA GLY A 35 7.15 -12.83 -16.71
C GLY A 35 7.98 -13.77 -17.56
N ARG A 36 9.26 -13.85 -17.27
CA ARG A 36 10.16 -14.77 -18.01
C ARG A 36 9.88 -16.18 -17.51
N ALA A 37 9.67 -16.32 -16.20
CA ALA A 37 9.27 -17.62 -15.62
C ALA A 37 8.00 -18.11 -16.33
N ILE A 38 7.01 -17.25 -16.45
CA ILE A 38 5.75 -17.64 -17.15
C ILE A 38 6.08 -18.06 -18.58
N THR A 39 6.90 -17.25 -19.25
CA THR A 39 7.29 -17.59 -20.65
C THR A 39 7.78 -19.04 -20.68
N ARG A 40 8.58 -19.44 -19.71
CA ARG A 40 9.12 -20.81 -19.71
C ARG A 40 8.04 -21.82 -19.34
N ASN A 41 7.25 -21.53 -18.29
CA ASN A 41 6.14 -22.41 -17.83
C ASN A 41 4.95 -21.57 -17.40
N PRO A 42 3.91 -21.42 -18.26
CA PRO A 42 2.79 -20.56 -17.94
C PRO A 42 1.69 -21.29 -17.16
N LEU A 43 2.04 -22.45 -16.61
CA LEU A 43 0.99 -23.26 -15.94
C LEU A 43 1.33 -23.37 -14.45
N VAL A 44 2.06 -22.39 -13.92
CA VAL A 44 2.42 -22.36 -12.47
C VAL A 44 1.78 -21.12 -11.84
N ALA A 45 0.80 -21.34 -10.96
CA ALA A 45 0.06 -20.21 -10.36
C ALA A 45 1.00 -19.27 -9.59
N VAL A 46 2.00 -19.83 -8.93
CA VAL A 46 2.87 -19.00 -8.05
C VAL A 46 3.41 -17.83 -8.87
N TYR A 47 3.79 -18.10 -10.13
CA TYR A 47 4.42 -17.03 -10.93
C TYR A 47 3.50 -15.81 -10.97
N TYR A 48 2.21 -16.06 -11.16
CA TYR A 48 1.21 -14.98 -11.30
C TYR A 48 0.95 -14.32 -9.96
N THR A 49 0.91 -15.15 -8.92
CA THR A 49 0.69 -14.67 -7.53
C THR A 49 1.88 -13.77 -7.17
N ASN A 50 3.07 -14.20 -7.58
CA ASN A 50 4.32 -13.47 -7.26
C ASN A 50 4.30 -12.12 -8.00
N ARG A 51 3.83 -12.11 -9.25
CA ARG A 51 3.84 -10.85 -10.05
C ARG A 51 2.73 -9.93 -9.56
N ALA A 52 1.60 -10.53 -9.14
CA ALA A 52 0.46 -9.73 -8.65
C ALA A 52 0.92 -8.88 -7.46
N LEU A 53 1.74 -9.46 -6.61
CA LEU A 53 2.23 -8.75 -5.40
C LEU A 53 3.14 -7.62 -5.85
N CYS A 54 3.95 -7.89 -6.86
CA CYS A 54 4.82 -6.85 -7.44
C CYS A 54 3.94 -5.68 -7.88
N TYR A 55 2.90 -5.97 -8.65
CA TYR A 55 1.96 -4.94 -9.16
C TYR A 55 1.30 -4.16 -8.01
N LEU A 56 0.91 -4.90 -6.97
CA LEU A 56 0.33 -4.24 -5.76
C LEU A 56 1.33 -3.21 -5.26
N LYS A 57 2.58 -3.61 -5.11
CA LYS A 57 3.60 -2.68 -4.57
C LYS A 57 3.80 -1.50 -5.54
N MET A 58 3.38 -1.66 -6.79
CA MET A 58 3.60 -0.61 -7.83
C MET A 58 2.30 0.17 -8.01
N GLN A 59 1.29 -0.14 -7.19
CA GLN A 59 -0.03 0.54 -7.26
C GLN A 59 -0.68 0.26 -8.61
N GLN A 60 -0.27 -0.84 -9.29
CA GLN A 60 -0.85 -1.30 -10.58
C GLN A 60 -1.90 -2.36 -10.26
N HIS A 61 -3.07 -1.91 -9.83
CA HIS A 61 -4.14 -2.76 -9.26
C HIS A 61 -4.85 -3.60 -10.34
N GLU A 62 -5.17 -3.00 -11.48
CA GLU A 62 -5.80 -3.74 -12.60
C GLU A 62 -4.94 -4.95 -12.98
N GLN A 63 -3.62 -4.74 -13.04
CA GLN A 63 -2.71 -5.80 -13.51
C GLN A 63 -2.62 -6.87 -12.44
N ALA A 64 -2.65 -6.45 -11.18
CA ALA A 64 -2.56 -7.41 -10.08
C ALA A 64 -3.81 -8.30 -10.11
N LEU A 65 -4.95 -7.67 -10.34
CA LEU A 65 -6.24 -8.40 -10.41
C LEU A 65 -6.13 -9.50 -11.47
N ALA A 66 -5.66 -9.10 -12.65
CA ALA A 66 -5.63 -10.04 -13.78
C ALA A 66 -4.75 -11.23 -13.40
N ASP A 67 -3.65 -10.95 -12.73
CA ASP A 67 -2.72 -12.03 -12.35
C ASP A 67 -3.40 -12.94 -11.31
N CYS A 68 -4.08 -12.32 -10.36
CA CYS A 68 -4.75 -13.14 -9.32
C CYS A 68 -5.72 -14.10 -10.02
N ARG A 69 -6.45 -13.58 -10.99
CA ARG A 69 -7.42 -14.41 -11.73
C ARG A 69 -6.69 -15.58 -12.42
N ARG A 70 -5.53 -15.29 -13.02
CA ARG A 70 -4.81 -16.36 -13.77
C ARG A 70 -4.35 -17.42 -12.77
N ALA A 71 -3.87 -16.97 -11.62
CA ALA A 71 -3.40 -17.92 -10.60
C ALA A 71 -4.58 -18.77 -10.11
N LEU A 72 -5.74 -18.15 -9.97
CA LEU A 72 -6.85 -18.86 -9.30
C LEU A 72 -7.37 -19.93 -10.25
N GLU A 73 -7.23 -19.69 -11.55
CA GLU A 73 -7.59 -20.68 -12.59
C GLU A 73 -6.66 -21.88 -12.50
N LEU A 74 -5.42 -21.66 -12.10
CA LEU A 74 -4.42 -22.74 -12.04
C LEU A 74 -4.44 -23.38 -10.64
N ASP A 75 -4.79 -22.60 -9.63
CA ASP A 75 -4.78 -23.12 -8.23
C ASP A 75 -5.92 -22.48 -7.43
N GLY A 76 -7.06 -23.19 -7.36
CA GLY A 76 -8.22 -22.69 -6.62
C GLY A 76 -8.00 -22.62 -5.13
N GLN A 77 -6.97 -23.28 -4.63
CA GLN A 77 -6.72 -23.32 -3.18
C GLN A 77 -5.71 -22.23 -2.77
N SER A 78 -5.33 -21.36 -3.71
CA SER A 78 -4.21 -20.40 -3.45
C SER A 78 -4.62 -19.36 -2.40
N VAL A 79 -3.95 -19.44 -1.27
CA VAL A 79 -4.20 -18.47 -0.17
C VAL A 79 -3.82 -17.07 -0.69
N LYS A 80 -2.58 -16.95 -1.15
CA LYS A 80 -2.05 -15.61 -1.55
C LYS A 80 -2.79 -15.02 -2.74
N ALA A 81 -3.29 -15.85 -3.65
CA ALA A 81 -4.08 -15.28 -4.75
C ALA A 81 -5.36 -14.63 -4.20
N HIS A 82 -6.01 -15.29 -3.25
CA HIS A 82 -7.25 -14.77 -2.62
C HIS A 82 -6.92 -13.53 -1.78
N PHE A 83 -5.80 -13.61 -1.09
CA PHE A 83 -5.40 -12.48 -0.21
C PHE A 83 -5.04 -11.25 -1.06
N PHE A 84 -4.14 -11.45 -2.01
CA PHE A 84 -3.75 -10.32 -2.91
C PHE A 84 -4.98 -9.80 -3.65
N LEU A 85 -5.88 -10.68 -4.07
CA LEU A 85 -7.15 -10.20 -4.70
C LEU A 85 -7.88 -9.29 -3.69
N GLY A 86 -7.96 -9.74 -2.45
CA GLY A 86 -8.74 -8.97 -1.47
C GLY A 86 -8.13 -7.59 -1.26
N GLN A 87 -6.80 -7.56 -1.20
CA GLN A 87 -6.04 -6.30 -0.97
C GLN A 87 -6.24 -5.39 -2.17
N CYS A 88 -6.22 -5.95 -3.36
CA CYS A 88 -6.54 -5.16 -4.57
C CYS A 88 -7.91 -4.51 -4.39
N GLN A 89 -8.93 -5.33 -4.19
CA GLN A 89 -10.33 -4.85 -4.18
C GLN A 89 -10.49 -3.82 -3.06
N LEU A 90 -9.74 -4.00 -1.99
CA LEU A 90 -9.81 -3.05 -0.85
C LEU A 90 -9.29 -1.69 -1.34
N GLU A 91 -8.17 -1.74 -2.05
CA GLU A 91 -7.53 -0.48 -2.51
C GLU A 91 -8.37 0.12 -3.63
N MET A 92 -9.30 -0.65 -4.19
CA MET A 92 -10.23 -0.12 -5.20
C MET A 92 -11.61 0.08 -4.59
N GLU A 93 -11.68 0.12 -3.24
CA GLU A 93 -12.95 0.43 -2.55
C GLU A 93 -14.02 -0.64 -2.84
N SER A 94 -13.62 -1.90 -3.02
CA SER A 94 -14.58 -3.02 -3.16
C SER A 94 -14.45 -3.83 -1.89
N TYR A 95 -15.05 -3.34 -0.79
CA TYR A 95 -14.83 -3.93 0.56
C TYR A 95 -15.49 -5.30 0.74
N ASP A 96 -16.78 -5.39 0.42
CA ASP A 96 -17.50 -6.67 0.65
C ASP A 96 -16.72 -7.82 -0.04
N GLU A 97 -16.39 -7.64 -1.30
CA GLU A 97 -15.68 -8.70 -2.03
C GLU A 97 -14.30 -8.89 -1.39
N ALA A 98 -13.66 -7.78 -1.04
CA ALA A 98 -12.32 -7.86 -0.43
C ALA A 98 -12.37 -8.69 0.85
N ILE A 99 -13.33 -8.36 1.70
CA ILE A 99 -13.43 -8.99 3.05
C ILE A 99 -13.64 -10.49 2.84
N ALA A 100 -14.51 -10.82 1.90
CA ALA A 100 -14.85 -12.22 1.60
C ALA A 100 -13.60 -12.96 1.12
N ASN A 101 -12.79 -12.29 0.30
CA ASN A 101 -11.57 -12.95 -0.23
C ASN A 101 -10.52 -13.09 0.86
N LEU A 102 -10.40 -12.07 1.72
CA LEU A 102 -9.46 -12.18 2.85
C LEU A 102 -9.93 -13.30 3.77
N GLN A 103 -11.24 -13.35 3.96
CA GLN A 103 -11.83 -14.39 4.85
C GLN A 103 -11.56 -15.77 4.24
N ARG A 104 -11.75 -15.87 2.93
CA ARG A 104 -11.43 -17.12 2.19
C ARG A 104 -9.97 -17.50 2.39
N ALA A 105 -9.07 -16.52 2.25
CA ALA A 105 -7.64 -16.79 2.50
C ALA A 105 -7.44 -17.32 3.91
N TYR A 106 -8.13 -16.72 4.88
CA TYR A 106 -7.93 -17.12 6.29
C TYR A 106 -8.28 -18.61 6.43
N SER A 107 -9.42 -18.94 5.88
CA SER A 107 -9.96 -20.32 5.90
C SER A 107 -8.96 -21.27 5.23
N LEU A 108 -8.54 -20.94 4.01
CA LEU A 108 -7.61 -21.86 3.28
C LEU A 108 -6.33 -22.04 4.06
N ALA A 109 -5.80 -20.97 4.64
CA ALA A 109 -4.51 -21.08 5.36
C ALA A 109 -4.67 -21.99 6.58
N LYS A 110 -5.82 -21.89 7.25
CA LYS A 110 -6.11 -22.79 8.39
C LYS A 110 -6.14 -24.23 7.88
N GLU A 111 -6.97 -24.46 6.88
CA GLU A 111 -7.12 -25.78 6.20
C GLU A 111 -5.75 -26.32 5.78
N GLN A 112 -4.80 -25.44 5.39
CA GLN A 112 -3.51 -25.87 4.81
C GLN A 112 -2.38 -25.78 5.83
N ARG A 113 -2.69 -25.41 7.08
CA ARG A 113 -1.68 -25.36 8.17
C ARG A 113 -0.57 -24.37 7.81
N LEU A 114 -0.96 -23.23 7.29
CA LEU A 114 0.00 -22.15 6.96
C LEU A 114 -0.05 -21.08 8.05
N ASN A 115 1.13 -20.63 8.48
CA ASN A 115 1.24 -19.63 9.57
C ASN A 115 1.75 -18.28 9.04
N PHE A 116 0.86 -17.31 8.90
CA PHE A 116 1.25 -15.93 8.48
C PHE A 116 0.99 -15.02 9.68
N GLY A 117 1.13 -15.56 10.88
CA GLY A 117 0.86 -14.80 12.11
C GLY A 117 -0.48 -14.10 12.06
N ASP A 118 -0.50 -12.80 12.40
CA ASP A 118 -1.77 -12.05 12.44
C ASP A 118 -2.00 -11.25 11.15
N ASP A 119 -1.28 -11.60 10.08
CA ASP A 119 -1.40 -10.78 8.84
C ASP A 119 -2.83 -10.78 8.31
N ILE A 120 -3.45 -11.96 8.17
CA ILE A 120 -4.81 -11.97 7.54
C ILE A 120 -5.84 -11.34 8.48
N PRO A 121 -5.89 -11.66 9.79
CA PRO A 121 -6.87 -10.98 10.66
C PRO A 121 -6.65 -9.46 10.70
N SER A 122 -5.40 -9.06 10.76
CA SER A 122 -5.05 -7.62 10.70
C SER A 122 -5.64 -6.98 9.45
N ALA A 123 -5.47 -7.64 8.30
CA ALA A 123 -6.02 -7.14 7.03
C ALA A 123 -7.54 -7.08 7.06
N LEU A 124 -8.17 -8.11 7.65
CA LEU A 124 -9.64 -8.11 7.75
C LEU A 124 -10.12 -6.93 8.60
N ARG A 125 -9.41 -6.66 9.68
CA ARG A 125 -9.75 -5.51 10.53
C ARG A 125 -9.63 -4.23 9.71
N ILE A 126 -8.52 -4.09 9.00
CA ILE A 126 -8.29 -2.87 8.17
C ILE A 126 -9.45 -2.73 7.20
N ALA A 127 -9.84 -3.83 6.58
CA ALA A 127 -10.89 -3.80 5.54
C ALA A 127 -12.24 -3.44 6.15
N LYS A 128 -12.57 -4.04 7.27
CA LYS A 128 -13.89 -3.81 7.90
C LYS A 128 -13.94 -2.36 8.39
N LYS A 129 -12.81 -1.90 8.90
CA LYS A 129 -12.75 -0.52 9.45
C LYS A 129 -12.91 0.48 8.31
N LYS A 130 -12.17 0.27 7.22
CA LYS A 130 -12.26 1.19 6.05
C LYS A 130 -13.69 1.17 5.53
N ARG A 131 -14.28 -0.02 5.43
CA ARG A 131 -15.66 -0.13 4.91
C ARG A 131 -16.58 0.70 5.80
N TRP A 132 -16.38 0.58 7.10
CA TRP A 132 -17.23 1.27 8.08
C TRP A 132 -16.99 2.77 7.96
N ASN A 133 -15.72 3.14 7.83
CA ASN A 133 -15.33 4.58 7.73
C ASN A 133 -16.00 5.20 6.50
N SER A 134 -16.55 4.38 5.61
CA SER A 134 -17.31 4.84 4.43
C SER A 134 -18.79 4.51 4.62
N ILE A 135 -19.13 3.81 5.70
CA ILE A 135 -20.54 3.48 6.04
C ILE A 135 -21.15 2.67 4.90
N SER B 8 5.95 5.25 34.47
CA SER B 8 5.80 6.25 33.37
C SER B 8 6.89 6.03 32.33
N PRO B 9 6.56 5.66 31.07
CA PRO B 9 7.58 5.58 30.06
C PRO B 9 7.83 6.96 29.46
N SER B 10 9.08 7.25 29.11
CA SER B 10 9.43 8.50 28.40
C SER B 10 8.85 8.52 26.98
N ALA B 11 8.74 9.70 26.39
CA ALA B 11 8.25 9.82 24.99
C ALA B 11 9.15 9.04 24.04
N GLN B 12 10.46 9.17 24.22
CA GLN B 12 11.40 8.40 23.38
C GLN B 12 11.11 6.92 23.57
N GLU B 13 10.96 6.49 24.82
CA GLU B 13 10.71 5.05 25.11
C GLU B 13 9.44 4.62 24.40
N LEU B 14 8.45 5.51 24.35
CA LEU B 14 7.15 5.16 23.72
C LEU B 14 7.34 5.12 22.21
N LYS B 15 8.12 6.04 21.66
CA LYS B 15 8.36 6.00 20.20
C LYS B 15 9.05 4.69 19.87
N GLU B 16 10.02 4.31 20.67
CA GLU B 16 10.81 3.11 20.38
C GLU B 16 9.92 1.88 20.50
N GLN B 17 8.96 1.94 21.41
CA GLN B 17 8.02 0.81 21.58
C GLN B 17 7.15 0.74 20.35
N GLY B 18 6.63 1.88 19.92
CA GLY B 18 5.82 1.92 18.69
C GLY B 18 6.63 1.41 17.51
N ASN B 19 7.93 1.69 17.50
CA ASN B 19 8.80 1.29 16.36
C ASN B 19 8.86 -0.23 16.30
N ARG B 20 8.99 -0.87 17.46
CA ARG B 20 9.13 -2.34 17.54
C ARG B 20 7.79 -2.99 17.20
N LEU B 21 6.68 -2.35 17.61
CA LEU B 21 5.36 -2.85 17.17
C LEU B 21 5.30 -2.70 15.64
N PHE B 22 5.84 -1.60 15.10
CA PHE B 22 5.76 -1.41 13.63
C PHE B 22 6.47 -2.57 12.94
N VAL B 23 7.58 -3.00 13.52
CA VAL B 23 8.42 -4.04 12.87
C VAL B 23 7.63 -5.35 12.90
N GLY B 24 6.76 -5.50 13.90
CA GLY B 24 5.86 -6.66 13.99
C GLY B 24 4.59 -6.46 13.20
N ARG B 25 4.48 -5.36 12.48
CA ARG B 25 3.29 -5.10 11.62
C ARG B 25 2.04 -4.92 12.47
N LYS B 26 2.20 -4.56 13.74
CA LYS B 26 1.03 -4.22 14.58
C LYS B 26 0.77 -2.72 14.47
N TYR B 27 0.19 -2.34 13.35
CA TYR B 27 0.05 -0.89 13.03
C TYR B 27 -0.83 -0.16 14.04
N PRO B 28 -2.09 -0.59 14.30
CA PRO B 28 -2.95 0.18 15.19
C PRO B 28 -2.28 0.41 16.56
N GLU B 29 -1.62 -0.63 17.07
CA GLU B 29 -0.98 -0.55 18.39
C GLU B 29 0.18 0.45 18.33
N ALA B 30 0.95 0.40 17.25
CA ALA B 30 2.12 1.30 17.11
C ALA B 30 1.62 2.76 17.05
N ALA B 31 0.58 3.00 16.27
CA ALA B 31 0.04 4.37 16.13
C ALA B 31 -0.42 4.85 17.51
N ALA B 32 -1.07 3.96 18.24
CA ALA B 32 -1.56 4.33 19.60
C ALA B 32 -0.35 4.68 20.48
N CYS B 33 0.75 3.93 20.36
CA CYS B 33 1.98 4.23 21.15
CA CYS B 33 1.98 4.23 21.15
C CYS B 33 2.58 5.59 20.75
N TYR B 34 2.53 5.87 19.44
CA TYR B 34 3.04 7.18 18.97
C TYR B 34 2.13 8.27 19.55
N GLY B 35 0.84 7.99 19.67
CA GLY B 35 -0.11 8.95 20.25
C GLY B 35 0.24 9.23 21.70
N ARG B 36 0.72 8.21 22.41
CA ARG B 36 1.14 8.40 23.81
C ARG B 36 2.40 9.28 23.83
N ALA B 37 3.31 9.05 22.87
CA ALA B 37 4.53 9.87 22.78
C ALA B 37 4.14 11.34 22.57
N ILE B 38 3.14 11.57 21.73
CA ILE B 38 2.66 12.96 21.49
C ILE B 38 2.11 13.52 22.80
N THR B 39 1.35 12.70 23.51
CA THR B 39 0.75 13.14 24.79
C THR B 39 1.87 13.63 25.72
N ARG B 40 3.03 12.98 25.69
CA ARG B 40 4.14 13.35 26.58
C ARG B 40 4.92 14.55 25.99
N ASN B 41 5.13 14.56 24.68
CA ASN B 41 5.80 15.70 24.00
C ASN B 41 5.18 15.87 22.63
N PRO B 42 4.28 16.84 22.45
CA PRO B 42 3.58 17.00 21.18
C PRO B 42 4.28 17.92 20.18
N LEU B 43 5.56 18.17 20.41
CA LEU B 43 6.32 19.17 19.61
C LEU B 43 7.46 18.46 18.88
N VAL B 44 7.32 17.14 18.67
CA VAL B 44 8.32 16.32 17.94
C VAL B 44 7.69 15.79 16.66
N ALA B 45 8.16 16.28 15.52
CA ALA B 45 7.53 16.00 14.22
C ALA B 45 7.53 14.51 13.93
N VAL B 46 8.57 13.82 14.39
CA VAL B 46 8.78 12.41 13.97
C VAL B 46 7.63 11.55 14.49
N TYR B 47 7.09 11.95 15.64
CA TYR B 47 5.98 11.14 16.18
C TYR B 47 4.83 11.17 15.16
N TYR B 48 4.58 12.32 14.56
CA TYR B 48 3.46 12.45 13.62
C TYR B 48 3.80 11.69 12.32
N THR B 49 5.06 11.81 11.89
CA THR B 49 5.47 11.12 10.65
C THR B 49 5.32 9.61 10.87
N ASN B 50 5.83 9.15 12.00
CA ASN B 50 5.75 7.71 12.36
C ASN B 50 4.28 7.26 12.35
N ARG B 51 3.37 8.07 12.90
CA ARG B 51 1.96 7.64 12.99
C ARG B 51 1.33 7.74 11.60
N ALA B 52 1.77 8.72 10.82
CA ALA B 52 1.25 8.87 9.45
C ALA B 52 1.56 7.57 8.68
N LEU B 53 2.74 7.02 8.92
CA LEU B 53 3.17 5.80 8.21
C LEU B 53 2.25 4.67 8.66
N CYS B 54 2.08 4.54 9.98
CA CYS B 54 1.12 3.55 10.52
C CYS B 54 -0.21 3.65 9.75
N TYR B 55 -0.79 4.85 9.67
CA TYR B 55 -2.10 5.08 9.03
C TYR B 55 -2.08 4.66 7.55
N LEU B 56 -0.96 4.93 6.90
CA LEU B 56 -0.80 4.54 5.47
C LEU B 56 -1.01 3.04 5.36
N LYS B 57 -0.34 2.31 6.23
CA LYS B 57 -0.37 0.83 6.20
C LYS B 57 -1.77 0.30 6.53
N MET B 58 -2.62 1.16 7.13
CA MET B 58 -3.99 0.77 7.54
C MET B 58 -4.98 1.40 6.58
N GLN B 59 -4.50 1.99 5.47
CA GLN B 59 -5.38 2.56 4.43
C GLN B 59 -6.14 3.78 4.95
N GLN B 60 -5.64 4.42 6.00
CA GLN B 60 -6.29 5.63 6.59
C GLN B 60 -5.54 6.85 6.06
N HIS B 61 -5.82 7.21 4.81
CA HIS B 61 -5.06 8.26 4.11
C HIS B 61 -5.43 9.63 4.69
N GLU B 62 -6.68 9.83 5.08
CA GLU B 62 -7.07 11.17 5.62
C GLU B 62 -6.32 11.44 6.92
N GLN B 63 -6.20 10.42 7.76
CA GLN B 63 -5.57 10.57 9.08
C GLN B 63 -4.07 10.75 8.85
N ALA B 64 -3.53 10.01 7.90
CA ALA B 64 -2.09 10.12 7.60
C ALA B 64 -1.78 11.53 7.11
N LEU B 65 -2.64 12.05 6.25
CA LEU B 65 -2.41 13.40 5.70
C LEU B 65 -2.38 14.40 6.86
N ALA B 66 -3.37 14.27 7.74
CA ALA B 66 -3.47 15.23 8.85
C ALA B 66 -2.17 15.20 9.66
N ASP B 67 -1.64 14.02 9.88
CA ASP B 67 -0.40 13.88 10.67
C ASP B 67 0.78 14.51 9.90
N CYS B 68 0.81 14.28 8.60
CA CYS B 68 1.90 14.88 7.78
C CYS B 68 1.88 16.39 7.99
N ARG B 69 0.70 16.97 7.91
CA ARG B 69 0.53 18.44 8.09
C ARG B 69 1.09 18.87 9.45
N ARG B 70 0.81 18.11 10.49
CA ARG B 70 1.28 18.46 11.86
C ARG B 70 2.80 18.39 11.91
N ALA B 71 3.38 17.38 11.28
CA ALA B 71 4.85 17.21 11.26
C ALA B 71 5.47 18.38 10.49
N LEU B 72 4.83 18.77 9.41
CA LEU B 72 5.43 19.77 8.49
C LEU B 72 5.44 21.12 9.21
N GLU B 73 4.42 21.37 10.02
CA GLU B 73 4.33 22.59 10.84
C GLU B 73 5.49 22.65 11.85
N LEU B 74 5.94 21.51 12.34
CA LEU B 74 7.03 21.45 13.34
C LEU B 74 8.38 21.34 12.65
N ASP B 75 8.38 20.76 11.45
CA ASP B 75 9.64 20.50 10.70
C ASP B 75 9.41 20.61 9.19
N GLY B 76 9.72 21.79 8.62
CA GLY B 76 9.52 22.02 7.18
C GLY B 76 10.54 21.29 6.30
N GLN B 77 11.58 20.74 6.91
CA GLN B 77 12.62 20.01 6.15
C GLN B 77 12.38 18.49 6.19
N SER B 78 11.24 18.06 6.73
CA SER B 78 11.04 16.60 6.94
C SER B 78 10.89 15.89 5.59
N VAL B 79 11.85 15.03 5.27
CA VAL B 79 11.79 14.21 4.03
C VAL B 79 10.56 13.29 4.11
N LYS B 80 10.45 12.57 5.22
CA LYS B 80 9.37 11.55 5.39
C LYS B 80 8.00 12.19 5.31
N ALA B 81 7.85 13.38 5.91
CA ALA B 81 6.51 14.01 5.90
C ALA B 81 6.07 14.39 4.49
N HIS B 82 7.01 14.89 3.67
CA HIS B 82 6.73 15.21 2.25
C HIS B 82 6.47 13.92 1.45
N PHE B 83 7.27 12.91 1.73
CA PHE B 83 7.13 11.62 1.00
C PHE B 83 5.79 10.97 1.36
N PHE B 84 5.56 10.79 2.65
CA PHE B 84 4.28 10.14 3.10
C PHE B 84 3.10 10.95 2.59
N LEU B 85 3.22 12.29 2.61
CA LEU B 85 2.16 13.15 2.05
C LEU B 85 1.95 12.80 0.58
N GLY B 86 3.04 12.65 -0.16
CA GLY B 86 2.90 12.39 -1.60
C GLY B 86 2.20 11.06 -1.80
N GLN B 87 2.56 10.09 -0.97
CA GLN B 87 1.90 8.75 -1.05
C GLN B 87 0.40 8.97 -0.85
N CYS B 88 0.02 9.73 0.18
CA CYS B 88 -1.42 10.01 0.39
C CYS B 88 -2.00 10.61 -0.88
N GLN B 89 -1.37 11.64 -1.43
CA GLN B 89 -1.97 12.38 -2.56
C GLN B 89 -2.05 11.45 -3.77
N LEU B 90 -1.12 10.52 -3.85
CA LEU B 90 -1.10 9.56 -4.97
C LEU B 90 -2.33 8.67 -4.84
N GLU B 91 -2.50 8.07 -3.66
CA GLU B 91 -3.74 7.31 -3.33
C GLU B 91 -5.00 8.15 -3.60
N MET B 92 -4.88 9.47 -3.57
CA MET B 92 -6.05 10.38 -3.69
C MET B 92 -6.25 10.92 -5.11
N GLU B 93 -5.31 10.60 -6.02
CA GLU B 93 -5.45 11.00 -7.46
C GLU B 93 -5.03 12.47 -7.63
N SER B 94 -4.35 13.06 -6.66
CA SER B 94 -3.76 14.40 -6.89
C SER B 94 -2.29 14.20 -7.29
N TYR B 95 -2.08 13.77 -8.54
CA TYR B 95 -0.79 13.19 -8.95
C TYR B 95 0.27 14.29 -8.95
N ASP B 96 -0.11 15.43 -9.51
CA ASP B 96 0.84 16.57 -9.67
C ASP B 96 1.39 16.97 -8.30
N GLU B 97 0.49 17.19 -7.34
CA GLU B 97 0.95 17.55 -5.98
C GLU B 97 1.84 16.45 -5.45
N ALA B 98 1.41 15.19 -5.63
CA ALA B 98 2.16 14.07 -5.06
C ALA B 98 3.58 14.02 -5.63
N ILE B 99 3.70 14.14 -6.94
CA ILE B 99 5.03 14.11 -7.61
C ILE B 99 5.90 15.22 -7.03
N ALA B 100 5.34 16.42 -6.94
CA ALA B 100 6.07 17.57 -6.36
C ALA B 100 6.56 17.26 -4.94
N ASN B 101 5.68 16.67 -4.12
CA ASN B 101 6.08 16.32 -2.74
C ASN B 101 7.12 15.20 -2.74
N LEU B 102 6.98 14.26 -3.68
CA LEU B 102 7.98 13.17 -3.72
C LEU B 102 9.32 13.75 -4.16
N GLN B 103 9.28 14.63 -5.16
CA GLN B 103 10.53 15.27 -5.66
C GLN B 103 11.11 16.15 -4.54
N ARG B 104 10.24 16.88 -3.88
CA ARG B 104 10.67 17.71 -2.70
C ARG B 104 11.38 16.84 -1.67
N ALA B 105 10.80 15.68 -1.36
CA ALA B 105 11.46 14.71 -0.47
C ALA B 105 12.84 14.31 -1.02
N TYR B 106 12.90 14.10 -2.32
CA TYR B 106 14.15 13.63 -2.95
C TYR B 106 15.24 14.69 -2.73
N SER B 107 14.87 15.92 -3.05
CA SER B 107 15.73 17.13 -2.90
C SER B 107 16.19 17.27 -1.46
N LEU B 108 15.26 17.09 -0.52
CA LEU B 108 15.59 17.26 0.91
C LEU B 108 16.60 16.20 1.31
N ALA B 109 16.35 14.96 0.91
CA ALA B 109 17.19 13.85 1.36
C ALA B 109 18.61 14.03 0.83
N LYS B 110 18.70 14.54 -0.38
CA LYS B 110 20.01 14.83 -1.05
C LYS B 110 20.75 15.89 -0.23
N GLU B 111 20.09 17.02 -0.03
CA GLU B 111 20.61 18.11 0.83
C GLU B 111 20.99 17.55 2.20
N GLN B 112 20.23 16.60 2.73
CA GLN B 112 20.46 16.15 4.13
C GLN B 112 21.38 14.93 4.15
N ARG B 113 21.87 14.50 2.99
CA ARG B 113 22.82 13.35 2.94
C ARG B 113 22.12 12.10 3.45
N LEU B 114 20.88 11.90 3.03
CA LEU B 114 20.06 10.73 3.43
C LEU B 114 20.05 9.69 2.31
N ASN B 115 20.15 8.42 2.68
CA ASN B 115 20.22 7.32 1.70
C ASN B 115 19.04 6.36 1.84
N PHE B 116 18.09 6.44 0.93
CA PHE B 116 16.94 5.49 0.93
C PHE B 116 17.02 4.62 -0.33
N GLY B 117 18.25 4.43 -0.82
CA GLY B 117 18.43 3.66 -2.05
C GLY B 117 17.61 4.24 -3.17
N ASP B 118 16.82 3.41 -3.83
CA ASP B 118 16.05 3.87 -5.01
C ASP B 118 14.58 4.09 -4.64
N ASP B 119 14.32 4.14 -3.32
CA ASP B 119 12.92 4.23 -2.83
C ASP B 119 12.21 5.44 -3.42
N ILE B 120 12.81 6.63 -3.27
CA ILE B 120 12.10 7.85 -3.76
C ILE B 120 11.99 7.83 -5.29
N PRO B 121 13.08 7.63 -6.08
CA PRO B 121 12.93 7.62 -7.54
C PRO B 121 11.90 6.58 -8.01
N SER B 122 11.95 5.40 -7.41
CA SER B 122 10.96 4.35 -7.72
C SER B 122 9.55 4.87 -7.49
N ALA B 123 9.35 5.62 -6.40
CA ALA B 123 8.01 6.19 -6.11
C ALA B 123 7.60 7.17 -7.20
N LEU B 124 8.55 8.02 -7.62
CA LEU B 124 8.20 9.06 -8.58
C LEU B 124 7.77 8.42 -9.91
N ARG B 125 8.40 7.32 -10.30
CA ARG B 125 7.97 6.63 -11.55
C ARG B 125 6.59 6.00 -11.36
N ILE B 126 6.33 5.41 -10.19
CA ILE B 126 4.95 4.91 -9.93
C ILE B 126 3.97 6.08 -10.16
N ALA B 127 4.27 7.22 -9.54
CA ALA B 127 3.30 8.33 -9.57
C ALA B 127 3.16 8.87 -10.99
N LYS B 128 4.28 9.00 -11.70
CA LYS B 128 4.24 9.53 -13.07
C LYS B 128 3.56 8.50 -13.98
N LYS B 129 3.87 7.22 -13.76
CA LYS B 129 3.19 6.15 -14.55
C LYS B 129 1.69 6.20 -14.25
N LYS B 130 1.34 6.26 -12.96
CA LYS B 130 -0.10 6.32 -12.56
C LYS B 130 -0.74 7.55 -13.18
N ARG B 131 -0.04 8.69 -13.16
CA ARG B 131 -0.63 9.92 -13.72
C ARG B 131 -0.93 9.66 -15.19
N TRP B 132 0.12 9.30 -15.91
CA TRP B 132 0.04 9.06 -17.38
C TRP B 132 -1.07 8.05 -17.69
N ASN B 133 -1.12 6.97 -16.91
CA ASN B 133 -2.18 5.93 -17.06
C ASN B 133 -3.56 6.56 -16.94
N SER B 134 -3.72 7.50 -16.02
CA SER B 134 -4.99 8.25 -15.86
C SER B 134 -5.26 9.10 -17.08
N ILE B 135 -4.23 9.74 -17.63
CA ILE B 135 -4.45 10.67 -18.78
C ILE B 135 -4.72 9.82 -20.03
N SER C 8 -34.61 -6.18 15.71
CA SER C 8 -33.25 -6.09 16.30
C SER C 8 -32.82 -4.63 16.35
N PRO C 9 -32.32 -4.15 17.50
CA PRO C 9 -31.85 -2.78 17.58
C PRO C 9 -30.51 -2.59 16.89
N SER C 10 -30.30 -1.44 16.24
CA SER C 10 -28.99 -1.09 15.63
C SER C 10 -28.00 -0.69 16.71
N ALA C 11 -26.71 -0.76 16.41
CA ALA C 11 -25.66 -0.30 17.36
C ALA C 11 -25.93 1.14 17.80
N GLN C 12 -26.55 1.94 16.93
CA GLN C 12 -26.79 3.36 17.28
C GLN C 12 -27.96 3.42 18.25
N GLU C 13 -29.04 2.71 17.92
CA GLU C 13 -30.20 2.69 18.84
C GLU C 13 -29.72 2.18 20.20
N LEU C 14 -28.75 1.28 20.18
CA LEU C 14 -28.19 0.76 21.44
C LEU C 14 -27.43 1.90 22.14
N LYS C 15 -26.56 2.56 21.41
CA LYS C 15 -25.81 3.68 22.01
C LYS C 15 -26.84 4.66 22.57
N GLU C 16 -27.83 4.99 21.75
CA GLU C 16 -28.83 5.98 22.17
C GLU C 16 -29.51 5.51 23.46
N GLN C 17 -29.78 4.21 23.52
CA GLN C 17 -30.47 3.70 24.73
C GLN C 17 -29.52 3.81 25.92
N GLY C 18 -28.26 3.42 25.73
CA GLY C 18 -27.29 3.58 26.80
C GLY C 18 -27.25 5.02 27.27
N ASN C 19 -27.38 5.94 26.32
CA ASN C 19 -27.26 7.38 26.67
C ASN C 19 -28.41 7.79 27.58
N ARG C 20 -29.61 7.27 27.29
CA ARG C 20 -30.81 7.60 28.09
C ARG C 20 -30.65 7.00 29.49
N LEU C 21 -30.17 5.76 29.58
CA LEU C 21 -29.90 5.14 30.89
C LEU C 21 -28.86 5.97 31.64
N PHE C 22 -27.82 6.44 30.97
CA PHE C 22 -26.81 7.32 31.61
C PHE C 22 -27.50 8.55 32.19
N VAL C 23 -28.43 9.11 31.44
CA VAL C 23 -29.16 10.31 31.89
C VAL C 23 -29.90 9.96 33.19
N GLY C 24 -30.38 8.72 33.28
CA GLY C 24 -31.07 8.27 34.50
C GLY C 24 -30.10 7.80 35.56
N ARG C 25 -28.81 7.93 35.28
CA ARG C 25 -27.75 7.48 36.22
C ARG C 25 -27.83 5.97 36.42
N LYS C 26 -28.40 5.26 35.44
CA LYS C 26 -28.37 3.77 35.53
C LYS C 26 -27.10 3.34 34.81
N TYR C 27 -25.98 3.45 35.51
CA TYR C 27 -24.66 3.20 34.88
C TYR C 27 -24.43 1.73 34.49
N PRO C 28 -24.66 0.73 35.37
CA PRO C 28 -24.39 -0.64 34.98
C PRO C 28 -25.19 -0.97 33.72
N GLU C 29 -26.43 -0.50 33.68
CA GLU C 29 -27.31 -0.80 32.54
C GLU C 29 -26.75 -0.14 31.29
N ALA C 30 -26.36 1.12 31.41
CA ALA C 30 -25.83 1.85 30.24
C ALA C 30 -24.61 1.11 29.70
N ALA C 31 -23.71 0.71 30.59
CA ALA C 31 -22.45 0.06 30.15
C ALA C 31 -22.79 -1.22 29.40
N ALA C 32 -23.75 -1.98 29.94
CA ALA C 32 -24.16 -3.22 29.26
C ALA C 32 -24.69 -2.88 27.85
N CYS C 33 -25.51 -1.84 27.73
CA CYS C 33 -26.06 -1.43 26.41
CA CYS C 33 -26.06 -1.43 26.41
C CYS C 33 -24.91 -1.10 25.42
N TYR C 34 -23.93 -0.36 25.94
CA TYR C 34 -22.76 0.00 25.09
C TYR C 34 -22.06 -1.30 24.67
N GLY C 35 -22.04 -2.29 25.57
CA GLY C 35 -21.45 -3.58 25.22
C GLY C 35 -22.20 -4.21 24.06
N ARG C 36 -23.53 -4.07 24.06
CA ARG C 36 -24.35 -4.62 22.96
C ARG C 36 -23.98 -3.88 21.67
N ALA C 37 -23.77 -2.57 21.78
CA ALA C 37 -23.38 -1.78 20.58
C ALA C 37 -22.06 -2.31 20.03
N ILE C 38 -21.12 -2.59 20.92
CA ILE C 38 -19.80 -3.11 20.49
C ILE C 38 -20.03 -4.44 19.80
N THR C 39 -20.88 -5.26 20.39
CA THR C 39 -21.18 -6.59 19.81
C THR C 39 -21.56 -6.39 18.34
N ARG C 40 -22.41 -5.42 18.05
CA ARG C 40 -22.86 -5.18 16.67
C ARG C 40 -21.75 -4.51 15.85
N ASN C 41 -21.05 -3.54 16.41
CA ASN C 41 -19.91 -2.85 15.72
C ASN C 41 -18.81 -2.56 16.72
N PRO C 42 -17.72 -3.34 16.72
CA PRO C 42 -16.69 -3.15 17.71
C PRO C 42 -15.59 -2.18 17.24
N LEU C 43 -15.86 -1.46 16.17
CA LEU C 43 -14.83 -0.57 15.57
C LEU C 43 -15.24 0.89 15.75
N VAL C 44 -16.06 1.19 16.76
CA VAL C 44 -16.55 2.57 17.00
C VAL C 44 -15.99 3.03 18.35
N ALA C 45 -15.07 4.00 18.34
CA ALA C 45 -14.36 4.37 19.58
C ALA C 45 -15.33 4.92 20.63
N VAL C 46 -16.34 5.66 20.19
CA VAL C 46 -17.27 6.32 21.16
C VAL C 46 -17.89 5.27 22.07
N TYR C 47 -18.16 4.08 21.52
CA TYR C 47 -18.83 3.07 22.35
C TYR C 47 -17.96 2.81 23.58
N TYR C 48 -16.66 2.73 23.38
CA TYR C 48 -15.74 2.42 24.50
C TYR C 48 -15.57 3.63 25.43
N THR C 49 -15.48 4.82 24.83
CA THR C 49 -15.34 6.04 25.67
C THR C 49 -16.58 6.16 26.56
N ASN C 50 -17.75 5.96 25.97
CA ASN C 50 -19.02 6.06 26.74
C ASN C 50 -19.02 5.04 27.89
N ARG C 51 -18.54 3.82 27.63
CA ARG C 51 -18.56 2.76 28.68
C ARG C 51 -17.51 3.08 29.73
N ALA C 52 -16.39 3.67 29.30
CA ALA C 52 -15.34 4.04 30.25
C ALA C 52 -15.92 5.03 31.26
N LEU C 53 -16.76 5.93 30.77
CA LEU C 53 -17.35 6.98 31.64
C LEU C 53 -18.28 6.28 32.63
N CYS C 54 -19.05 5.32 32.12
CA CYS C 54 -19.94 4.53 33.01
C CYS C 54 -19.08 3.92 34.13
N TYR C 55 -17.97 3.30 33.77
CA TYR C 55 -17.08 2.65 34.75
C TYR C 55 -16.53 3.69 35.73
N LEU C 56 -16.28 4.89 35.23
CA LEU C 56 -15.74 5.95 36.11
C LEU C 56 -16.80 6.21 37.15
N LYS C 57 -18.02 6.36 36.70
CA LYS C 57 -19.13 6.68 37.62
C LYS C 57 -19.33 5.53 38.61
N MET C 58 -18.86 4.33 38.28
CA MET C 58 -19.02 3.14 39.16
C MET C 58 -17.71 2.81 39.87
N GLN C 59 -16.73 3.71 39.81
CA GLN C 59 -15.45 3.50 40.53
C GLN C 59 -14.68 2.28 39.99
N GLN C 60 -14.98 1.89 38.76
CA GLN C 60 -14.23 0.78 38.11
C GLN C 60 -13.14 1.40 37.21
N HIS C 61 -12.09 1.91 37.83
CA HIS C 61 -11.06 2.70 37.12
C HIS C 61 -10.25 1.81 36.17
N GLU C 62 -10.03 0.55 36.55
CA GLU C 62 -9.23 -0.39 35.71
C GLU C 62 -10.01 -0.72 34.44
N GLN C 63 -11.30 -1.01 34.57
CA GLN C 63 -12.14 -1.27 33.37
CA GLN C 63 -12.15 -1.27 33.38
C GLN C 63 -12.30 -0.02 32.48
N ALA C 64 -12.32 1.14 33.13
CA ALA C 64 -12.46 2.39 32.36
C ALA C 64 -11.19 2.63 31.54
N LEU C 65 -10.04 2.38 32.14
CA LEU C 65 -8.75 2.62 31.44
C LEU C 65 -8.69 1.70 30.22
N ALA C 66 -9.04 0.43 30.42
CA ALA C 66 -8.98 -0.54 29.31
C ALA C 66 -9.85 -0.04 28.16
N ASP C 67 -11.00 0.53 28.48
CA ASP C 67 -11.90 1.04 27.43
C ASP C 67 -11.28 2.28 26.76
N CYS C 68 -10.62 3.12 27.55
CA CYS C 68 -9.97 4.31 26.96
C CYS C 68 -8.91 3.83 25.97
N ARG C 69 -8.11 2.84 26.39
CA ARG C 69 -7.05 2.29 25.51
C ARG C 69 -7.64 1.68 24.24
N ARG C 70 -8.81 1.04 24.32
CA ARG C 70 -9.47 0.47 23.13
C ARG C 70 -9.93 1.60 22.22
N ALA C 71 -10.47 2.65 22.83
CA ALA C 71 -10.94 3.81 22.05
C ALA C 71 -9.75 4.51 21.40
N LEU C 72 -8.65 4.62 22.14
CA LEU C 72 -7.48 5.36 21.62
C LEU C 72 -6.92 4.62 20.39
N GLU C 73 -6.95 3.29 20.42
CA GLU C 73 -6.45 2.49 19.27
C GLU C 73 -7.35 2.72 18.05
N LEU C 74 -8.62 2.99 18.24
CA LEU C 74 -9.55 3.26 17.11
C LEU C 74 -9.56 4.75 16.72
N ASP C 75 -9.33 5.64 17.69
CA ASP C 75 -9.41 7.10 17.41
C ASP C 75 -8.38 7.87 18.27
N GLY C 76 -7.20 8.12 17.71
CA GLY C 76 -6.14 8.83 18.45
C GLY C 76 -6.44 10.29 18.72
N GLN C 77 -7.46 10.84 18.08
CA GLN C 77 -7.82 12.26 18.29
C GLN C 77 -8.95 12.38 19.33
N SER C 78 -9.29 11.28 19.99
CA SER C 78 -10.44 11.31 20.92
C SER C 78 -10.14 12.19 22.15
N VAL C 79 -10.87 13.30 22.26
CA VAL C 79 -10.70 14.21 23.43
C VAL C 79 -11.11 13.48 24.71
N LYS C 80 -12.26 12.79 24.67
CA LYS C 80 -12.81 12.14 25.89
C LYS C 80 -11.98 10.93 26.32
N ALA C 81 -11.45 10.16 25.36
CA ALA C 81 -10.59 9.03 25.75
C ALA C 81 -9.38 9.52 26.53
N HIS C 82 -8.76 10.60 26.07
CA HIS C 82 -7.60 11.18 26.78
C HIS C 82 -8.04 11.75 28.13
N PHE C 83 -9.19 12.39 28.14
CA PHE C 83 -9.68 13.05 29.38
C PHE C 83 -10.07 11.98 30.42
N PHE C 84 -10.93 11.06 30.01
CA PHE C 84 -11.32 9.96 30.94
C PHE C 84 -10.08 9.20 31.40
N LEU C 85 -9.12 8.97 30.49
CA LEU C 85 -7.84 8.33 30.89
C LEU C 85 -7.18 9.15 32.00
N GLY C 86 -7.09 10.47 31.82
CA GLY C 86 -6.36 11.28 32.81
C GLY C 86 -7.06 11.21 34.15
N GLN C 87 -8.37 11.16 34.10
CA GLN C 87 -9.16 11.01 35.35
C GLN C 87 -8.76 9.70 36.03
N CYS C 88 -8.70 8.58 35.29
CA CYS C 88 -8.31 7.29 35.90
C CYS C 88 -6.90 7.42 36.50
N GLN C 89 -5.98 8.02 35.75
CA GLN C 89 -4.58 8.16 36.20
C GLN C 89 -4.55 9.01 37.48
N LEU C 90 -5.47 9.95 37.58
CA LEU C 90 -5.52 10.87 38.74
C LEU C 90 -6.01 10.08 39.96
N GLU C 91 -7.03 9.23 39.77
CA GLU C 91 -7.41 8.21 40.77
C GLU C 91 -6.18 7.40 41.20
N MET C 92 -5.39 6.92 40.25
CA MET C 92 -4.30 5.96 40.53
C MET C 92 -3.03 6.70 40.95
N GLU C 93 -3.12 8.03 41.11
CA GLU C 93 -2.00 8.86 41.64
C GLU C 93 -0.80 8.77 40.68
N SER C 94 -1.10 8.61 39.39
CA SER C 94 -0.13 8.89 38.30
C SER C 94 -0.37 10.33 37.82
N TYR C 95 -0.06 11.29 38.69
CA TYR C 95 -0.36 12.73 38.44
C TYR C 95 0.24 13.25 37.13
N ASP C 96 1.53 13.06 36.95
CA ASP C 96 2.21 13.63 35.75
C ASP C 96 1.53 13.10 34.49
N GLU C 97 1.18 11.81 34.47
CA GLU C 97 0.56 11.18 33.28
C GLU C 97 -0.84 11.74 33.13
N ALA C 98 -1.56 11.84 34.23
CA ALA C 98 -2.92 12.42 34.19
C ALA C 98 -2.86 13.83 33.61
N ILE C 99 -1.97 14.65 34.13
CA ILE C 99 -1.91 16.07 33.67
C ILE C 99 -1.63 16.10 32.17
N ALA C 100 -0.74 15.24 31.73
CA ALA C 100 -0.41 15.18 30.28
C ALA C 100 -1.66 14.87 29.46
N ASN C 101 -2.47 13.93 29.93
CA ASN C 101 -3.64 13.52 29.13
C ASN C 101 -4.73 14.57 29.17
N LEU C 102 -4.90 15.21 30.34
CA LEU C 102 -5.89 16.32 30.42
C LEU C 102 -5.44 17.44 29.48
N GLN C 103 -4.15 17.66 29.45
CA GLN C 103 -3.60 18.73 28.58
C GLN C 103 -3.77 18.35 27.11
N ARG C 104 -3.55 17.06 26.79
CA ARG C 104 -3.77 16.59 25.40
C ARG C 104 -5.25 16.76 25.02
N ALA C 105 -6.16 16.40 25.93
CA ALA C 105 -7.60 16.63 25.66
C ALA C 105 -7.85 18.10 25.40
N TYR C 106 -7.20 18.96 26.16
CA TYR C 106 -7.46 20.41 26.03
C TYR C 106 -7.06 20.84 24.61
N SER C 107 -5.87 20.40 24.23
CA SER C 107 -5.34 20.77 22.90
C SER C 107 -6.22 20.22 21.78
N LEU C 108 -6.63 18.95 21.91
CA LEU C 108 -7.45 18.32 20.86
C LEU C 108 -8.78 19.05 20.76
N ALA C 109 -9.39 19.34 21.91
CA ALA C 109 -10.70 20.01 21.92
C ALA C 109 -10.58 21.37 21.22
N LYS C 110 -9.53 22.10 21.54
CA LYS C 110 -9.32 23.43 20.92
C LYS C 110 -9.18 23.24 19.41
N GLU C 111 -8.33 22.30 19.01
CA GLU C 111 -8.18 21.99 17.56
C GLU C 111 -9.52 21.55 16.95
N GLN C 112 -10.34 20.80 17.71
CA GLN C 112 -11.59 20.27 17.10
C GLN C 112 -12.70 21.29 17.32
N ARG C 113 -12.39 22.42 17.94
CA ARG C 113 -13.38 23.49 18.23
C ARG C 113 -14.48 22.93 19.11
N LEU C 114 -14.09 22.17 20.14
CA LEU C 114 -15.07 21.61 21.10
C LEU C 114 -15.15 22.56 22.30
N ASN C 115 -16.36 22.82 22.79
CA ASN C 115 -16.51 23.67 24.00
C ASN C 115 -17.06 22.87 25.18
N PHE C 116 -16.23 22.66 26.20
CA PHE C 116 -16.68 21.99 27.43
C PHE C 116 -16.63 23.02 28.57
N GLY C 117 -16.73 24.29 28.21
CA GLY C 117 -16.61 25.34 29.23
C GLY C 117 -15.28 25.25 29.94
N ASP C 118 -15.30 25.26 31.27
CA ASP C 118 -14.05 25.22 32.07
C ASP C 118 -13.78 23.81 32.57
N ASP C 119 -14.46 22.81 32.01
CA ASP C 119 -14.31 21.42 32.51
C ASP C 119 -12.84 20.97 32.47
N ILE C 120 -12.18 21.13 31.32
CA ILE C 120 -10.79 20.61 31.23
C ILE C 120 -9.84 21.46 32.09
N PRO C 121 -9.82 22.81 32.03
CA PRO C 121 -8.95 23.58 32.92
C PRO C 121 -9.21 23.32 34.40
N SER C 122 -10.48 23.17 34.75
CA SER C 122 -10.84 22.86 36.16
C SER C 122 -10.23 21.53 36.60
N ALA C 123 -10.27 20.54 35.72
CA ALA C 123 -9.68 19.24 36.06
C ALA C 123 -8.17 19.35 36.19
N LEU C 124 -7.55 20.11 35.29
CA LEU C 124 -6.09 20.28 35.33
C LEU C 124 -5.67 20.92 36.66
N ARG C 125 -6.46 21.87 37.14
CA ARG C 125 -6.15 22.48 38.46
C ARG C 125 -6.23 21.41 39.55
N ILE C 126 -7.31 20.63 39.55
CA ILE C 126 -7.44 19.52 40.55
C ILE C 126 -6.19 18.64 40.51
N ALA C 127 -5.78 18.24 39.31
CA ALA C 127 -4.63 17.34 39.19
C ALA C 127 -3.38 18.01 39.71
N LYS C 128 -3.19 19.29 39.36
CA LYS C 128 -1.95 19.97 39.76
C LYS C 128 -1.96 20.19 41.27
N LYS C 129 -3.13 20.50 41.80
CA LYS C 129 -3.24 20.68 43.27
C LYS C 129 -2.87 19.37 43.98
N LYS C 130 -3.30 18.23 43.43
CA LYS C 130 -3.03 16.94 44.11
C LYS C 130 -1.56 16.55 43.95
N ARG C 131 -0.96 16.86 42.81
CA ARG C 131 0.48 16.57 42.65
C ARG C 131 1.26 17.38 43.67
N TRP C 132 0.88 18.64 43.81
CA TRP C 132 1.62 19.54 44.73
C TRP C 132 1.46 19.05 46.17
N ASN C 133 0.24 18.68 46.54
CA ASN C 133 -0.01 18.14 47.91
C ASN C 133 0.83 16.89 48.12
N SER C 134 0.96 16.07 47.09
CA SER C 134 1.74 14.82 47.23
C SER C 134 3.14 15.19 47.67
N ILE C 135 3.75 16.13 46.98
CA ILE C 135 5.15 16.55 47.29
C ILE C 135 5.16 17.32 48.61
N SER D 8 6.60 22.39 -30.64
CA SER D 8 7.28 21.09 -30.46
C SER D 8 6.29 19.95 -30.65
N PRO D 9 6.70 18.84 -31.30
CA PRO D 9 5.81 17.71 -31.44
C PRO D 9 5.54 16.97 -30.14
N SER D 10 4.39 16.30 -30.07
CA SER D 10 4.04 15.47 -28.89
C SER D 10 4.68 14.09 -29.07
N ALA D 11 4.82 13.35 -27.98
CA ALA D 11 5.37 11.99 -28.07
C ALA D 11 4.57 11.19 -29.11
N GLN D 12 3.24 11.31 -29.11
CA GLN D 12 2.41 10.50 -30.02
C GLN D 12 2.73 10.93 -31.45
N GLU D 13 2.85 12.22 -31.65
CA GLU D 13 3.18 12.76 -32.99
C GLU D 13 4.50 12.19 -33.45
N LEU D 14 5.50 12.20 -32.58
CA LEU D 14 6.83 11.69 -32.95
C LEU D 14 6.71 10.21 -33.30
N LYS D 15 5.93 9.47 -32.53
CA LYS D 15 5.78 8.02 -32.78
C LYS D 15 5.18 7.82 -34.16
N GLU D 16 4.17 8.62 -34.47
CA GLU D 16 3.50 8.52 -35.78
C GLU D 16 4.48 8.89 -36.89
N GLN D 17 5.33 9.90 -36.64
CA GLN D 17 6.36 10.25 -37.64
C GLN D 17 7.27 9.05 -37.85
N GLY D 18 7.67 8.44 -36.74
CA GLY D 18 8.52 7.24 -36.84
C GLY D 18 7.82 6.17 -37.64
N ASN D 19 6.52 6.01 -37.42
CA ASN D 19 5.75 4.96 -38.11
C ASN D 19 5.78 5.24 -39.61
N ARG D 20 5.65 6.51 -40.00
CA ARG D 20 5.68 6.89 -41.43
C ARG D 20 7.07 6.62 -42.00
N LEU D 21 8.11 6.96 -41.24
CA LEU D 21 9.48 6.69 -41.69
C LEU D 21 9.66 5.17 -41.84
N PHE D 22 9.07 4.42 -40.92
CA PHE D 22 9.23 2.95 -40.98
C PHE D 22 8.58 2.46 -42.27
N VAL D 23 7.46 3.05 -42.62
CA VAL D 23 6.76 2.67 -43.87
C VAL D 23 7.69 2.96 -45.05
N GLY D 24 8.49 4.02 -44.94
CA GLY D 24 9.44 4.38 -46.01
C GLY D 24 10.73 3.60 -45.87
N ARG D 25 10.77 2.63 -44.98
CA ARG D 25 11.97 1.78 -44.79
C ARG D 25 13.17 2.63 -44.37
N LYS D 26 12.92 3.79 -43.76
CA LYS D 26 14.03 4.59 -43.19
C LYS D 26 14.13 4.21 -41.72
N TYR D 27 14.82 3.14 -41.43
CA TYR D 27 14.81 2.60 -40.05
C TYR D 27 15.66 3.42 -39.06
N PRO D 28 16.89 3.85 -39.36
CA PRO D 28 17.65 4.59 -38.39
C PRO D 28 16.90 5.88 -38.02
N GLU D 29 16.27 6.50 -39.00
CA GLU D 29 15.54 7.76 -38.75
C GLU D 29 14.31 7.48 -37.89
N ALA D 30 13.59 6.41 -38.22
CA ALA D 30 12.39 6.05 -37.44
C ALA D 30 12.81 5.79 -36.00
N ALA D 31 13.93 5.09 -35.84
CA ALA D 31 14.41 4.76 -34.48
C ALA D 31 14.74 6.03 -33.72
N ALA D 32 15.18 7.05 -34.45
CA ALA D 32 15.54 8.32 -33.79
C ALA D 32 14.27 9.01 -33.32
N CYS D 33 13.22 8.97 -34.13
CA CYS D 33 11.93 9.57 -33.71
C CYS D 33 11.45 8.86 -32.44
N TYR D 34 11.54 7.52 -32.42
CA TYR D 34 11.08 6.78 -31.23
C TYR D 34 11.90 7.25 -30.02
N GLY D 35 13.18 7.54 -30.25
CA GLY D 35 14.03 8.06 -29.17
C GLY D 35 13.49 9.39 -28.67
N ARG D 36 13.00 10.21 -29.59
CA ARG D 36 12.47 11.53 -29.20
C ARG D 36 11.20 11.29 -28.40
N ALA D 37 10.34 10.38 -28.89
CA ALA D 37 9.12 10.05 -28.14
C ALA D 37 9.49 9.60 -26.73
N ILE D 38 10.53 8.77 -26.63
CA ILE D 38 10.97 8.30 -25.30
C ILE D 38 11.43 9.52 -24.49
N THR D 39 12.20 10.38 -25.12
CA THR D 39 12.69 11.58 -24.41
C THR D 39 11.48 12.29 -23.79
N ARG D 40 10.39 12.39 -24.53
CA ARG D 40 9.20 13.12 -24.04
C ARG D 40 8.46 12.30 -22.98
N ASN D 41 8.29 11.00 -23.22
CA ASN D 41 7.61 10.09 -22.26
C ASN D 41 8.32 8.74 -22.32
N PRO D 42 9.13 8.41 -21.31
CA PRO D 42 9.89 7.18 -21.33
C PRO D 42 9.16 6.03 -20.64
N LEU D 43 7.86 6.18 -20.43
CA LEU D 43 7.10 5.16 -19.65
C LEU D 43 6.09 4.49 -20.55
N VAL D 44 6.29 4.53 -21.87
CA VAL D 44 5.37 3.91 -22.85
C VAL D 44 6.11 2.76 -23.56
N ALA D 45 5.72 1.51 -23.29
CA ALA D 45 6.44 0.33 -23.82
C ALA D 45 6.48 0.33 -25.34
N VAL D 46 5.41 0.78 -25.97
CA VAL D 46 5.33 0.70 -27.46
C VAL D 46 6.52 1.43 -28.09
N TYR D 47 7.03 2.47 -27.42
CA TYR D 47 8.11 3.22 -28.07
C TYR D 47 9.32 2.28 -28.21
N TYR D 48 9.62 1.54 -27.15
CA TYR D 48 10.78 0.62 -27.15
C TYR D 48 10.52 -0.53 -28.12
N THR D 49 9.30 -1.06 -28.11
CA THR D 49 8.93 -2.17 -29.04
C THR D 49 9.11 -1.69 -30.49
N ASN D 50 8.63 -0.50 -30.80
CA ASN D 50 8.72 0.04 -32.17
C ASN D 50 10.22 0.18 -32.52
N ARG D 51 11.02 0.65 -31.58
CA ARG D 51 12.45 0.90 -31.90
C ARG D 51 13.17 -0.45 -32.06
N ALA D 52 12.79 -1.43 -31.25
CA ALA D 52 13.45 -2.75 -31.34
C ALA D 52 13.22 -3.32 -32.74
N LEU D 53 12.01 -3.11 -33.28
CA LEU D 53 11.71 -3.59 -34.63
C LEU D 53 12.64 -2.86 -35.61
N CYS D 54 12.87 -1.57 -35.36
CA CYS D 54 13.78 -0.81 -36.24
C CYS D 54 15.16 -1.49 -36.19
N TYR D 55 15.64 -1.78 -34.99
CA TYR D 55 16.98 -2.40 -34.82
C TYR D 55 17.01 -3.79 -35.47
N LEU D 56 15.90 -4.51 -35.36
CA LEU D 56 15.85 -5.86 -35.98
C LEU D 56 16.09 -5.68 -37.49
N LYS D 57 15.42 -4.71 -38.08
CA LYS D 57 15.53 -4.51 -39.55
C LYS D 57 16.94 -4.02 -39.90
N MET D 58 17.68 -3.50 -38.93
CA MET D 58 19.05 -2.99 -39.15
C MET D 58 20.07 -4.04 -38.70
N GLN D 59 19.58 -5.21 -38.32
CA GLN D 59 20.47 -6.31 -37.88
C GLN D 59 21.21 -5.93 -36.58
N GLN D 60 20.64 -5.03 -35.79
CA GLN D 60 21.24 -4.65 -34.49
C GLN D 60 20.51 -5.43 -33.39
N HIS D 61 20.80 -6.72 -33.28
CA HIS D 61 20.02 -7.59 -32.36
C HIS D 61 20.21 -7.22 -30.90
N GLU D 62 21.41 -6.90 -30.49
CA GLU D 62 21.60 -6.63 -29.04
C GLU D 62 20.81 -5.38 -28.64
N GLN D 63 20.81 -4.36 -29.48
CA GLN D 63 20.05 -3.11 -29.18
C GLN D 63 18.55 -3.42 -29.23
N ALA D 64 18.17 -4.33 -30.13
CA ALA D 64 16.75 -4.73 -30.20
C ALA D 64 16.38 -5.42 -28.88
N LEU D 65 17.27 -6.30 -28.43
CA LEU D 65 16.95 -7.08 -27.21
C LEU D 65 16.75 -6.11 -26.05
N ALA D 66 17.64 -5.14 -25.93
CA ALA D 66 17.58 -4.20 -24.81
C ALA D 66 16.22 -3.50 -24.81
N ASP D 67 15.77 -3.08 -25.98
CA ASP D 67 14.49 -2.34 -26.02
C ASP D 67 13.34 -3.29 -25.66
N CYS D 68 13.45 -4.53 -26.12
CA CYS D 68 12.41 -5.54 -25.79
C CYS D 68 12.36 -5.70 -24.27
N ARG D 69 13.52 -5.80 -23.64
CA ARG D 69 13.53 -5.88 -22.16
C ARG D 69 12.88 -4.63 -21.56
N ARG D 70 13.16 -3.45 -22.13
CA ARG D 70 12.62 -2.22 -21.51
C ARG D 70 11.11 -2.21 -21.66
N ALA D 71 10.63 -2.65 -22.82
CA ALA D 71 9.17 -2.66 -23.05
C ALA D 71 8.51 -3.65 -22.09
N LEU D 72 9.13 -4.82 -21.91
CA LEU D 72 8.50 -5.87 -21.08
C LEU D 72 8.40 -5.42 -19.62
N GLU D 73 9.31 -4.54 -19.20
CA GLU D 73 9.28 -4.05 -17.80
C GLU D 73 8.14 -3.06 -17.66
N LEU D 74 7.76 -2.42 -18.74
CA LEU D 74 6.62 -1.46 -18.72
C LEU D 74 5.30 -2.18 -19.03
N ASP D 75 5.35 -3.25 -19.81
CA ASP D 75 4.12 -3.98 -20.21
C ASP D 75 4.40 -5.48 -20.34
N GLY D 76 4.18 -6.23 -19.26
CA GLY D 76 4.38 -7.69 -19.29
C GLY D 76 3.47 -8.43 -20.26
N GLN D 77 2.42 -7.75 -20.74
CA GLN D 77 1.46 -8.43 -21.62
C GLN D 77 1.75 -8.11 -23.10
N SER D 78 2.89 -7.47 -23.40
CA SER D 78 3.17 -7.04 -24.80
C SER D 78 3.43 -8.23 -25.72
N VAL D 79 2.54 -8.44 -26.66
CA VAL D 79 2.73 -9.53 -27.65
C VAL D 79 3.97 -9.24 -28.49
N LYS D 80 4.07 -8.02 -29.03
CA LYS D 80 5.17 -7.68 -29.95
C LYS D 80 6.51 -7.65 -29.24
N ALA D 81 6.55 -7.25 -27.97
CA ALA D 81 7.85 -7.33 -27.29
C ALA D 81 8.32 -8.78 -27.20
N HIS D 82 7.40 -9.70 -26.87
CA HIS D 82 7.78 -11.13 -26.75
C HIS D 82 8.13 -11.67 -28.15
N PHE D 83 7.37 -11.26 -29.14
CA PHE D 83 7.60 -11.76 -30.51
C PHE D 83 8.93 -11.24 -31.05
N PHE D 84 9.11 -9.92 -30.95
CA PHE D 84 10.38 -9.32 -31.45
C PHE D 84 11.56 -9.91 -30.66
N LEU D 85 11.38 -10.17 -29.36
CA LEU D 85 12.46 -10.82 -28.58
C LEU D 85 12.75 -12.21 -29.17
N GLY D 86 11.70 -12.92 -29.55
CA GLY D 86 11.92 -14.29 -30.06
C GLY D 86 12.62 -14.27 -31.41
N GLN D 87 12.18 -13.38 -32.29
CA GLN D 87 12.83 -13.23 -33.62
C GLN D 87 14.29 -12.85 -33.40
N CYS D 88 14.55 -12.04 -32.38
CA CYS D 88 15.93 -11.64 -32.06
C CYS D 88 16.71 -12.90 -31.64
N GLN D 89 16.20 -13.63 -30.66
CA GLN D 89 16.94 -14.82 -30.14
C GLN D 89 17.09 -15.86 -31.26
N LEU D 90 16.15 -15.88 -32.19
CA LEU D 90 16.22 -16.83 -33.33
C LEU D 90 17.39 -16.43 -34.24
N GLU D 91 17.45 -15.16 -34.62
CA GLU D 91 18.56 -14.67 -35.49
C GLU D 91 19.90 -14.81 -34.73
N MET D 92 19.87 -14.90 -33.40
CA MET D 92 21.10 -15.09 -32.59
C MET D 92 21.30 -16.55 -32.23
N GLU D 93 20.47 -17.46 -32.80
CA GLU D 93 20.60 -18.92 -32.57
C GLU D 93 20.26 -19.31 -31.13
N SER D 94 19.40 -18.55 -30.45
CA SER D 94 18.89 -18.96 -29.11
C SER D 94 17.48 -19.51 -29.37
N TYR D 95 17.39 -20.72 -29.92
CA TYR D 95 16.09 -21.27 -30.41
C TYR D 95 15.06 -21.57 -29.31
N ASP D 96 15.46 -22.27 -28.27
CA ASP D 96 14.51 -22.64 -27.19
C ASP D 96 13.85 -21.37 -26.63
N GLU D 97 14.65 -20.36 -26.28
CA GLU D 97 14.08 -19.11 -25.72
C GLU D 97 13.21 -18.46 -26.76
N ALA D 98 13.67 -18.49 -28.02
CA ALA D 98 12.89 -17.86 -29.10
C ALA D 98 11.53 -18.52 -29.21
N ILE D 99 11.53 -19.86 -29.27
CA ILE D 99 10.25 -20.58 -29.45
C ILE D 99 9.35 -20.25 -28.26
N ALA D 100 9.92 -20.30 -27.06
CA ALA D 100 9.12 -19.99 -25.84
C ALA D 100 8.51 -18.60 -25.97
N ASN D 101 9.29 -17.64 -26.47
CA ASN D 101 8.78 -16.25 -26.54
C ASN D 101 7.75 -16.12 -27.66
N LEU D 102 8.00 -16.80 -28.77
CA LEU D 102 7.01 -16.77 -29.87
C LEU D 102 5.71 -17.46 -29.40
N GLN D 103 5.85 -18.51 -28.61
CA GLN D 103 4.64 -19.22 -28.11
C GLN D 103 3.93 -18.33 -27.07
N ARG D 104 4.70 -17.59 -26.28
CA ARG D 104 4.08 -16.65 -25.31
C ARG D 104 3.32 -15.57 -26.09
N ALA D 105 3.96 -15.07 -27.16
CA ALA D 105 3.26 -14.10 -28.01
C ALA D 105 1.96 -14.70 -28.54
N TYR D 106 2.04 -15.95 -28.99
CA TYR D 106 0.85 -16.58 -29.60
C TYR D 106 -0.27 -16.58 -28.56
N SER D 107 0.10 -16.99 -27.36
CA SER D 107 -0.90 -17.09 -26.27
C SER D 107 -1.48 -15.71 -25.96
N LEU D 108 -0.62 -14.72 -25.78
CA LEU D 108 -1.12 -13.37 -25.39
C LEU D 108 -2.04 -12.84 -26.48
N ALA D 109 -1.64 -13.04 -27.74
CA ALA D 109 -2.44 -12.50 -28.86
C ALA D 109 -3.83 -13.12 -28.85
N LYS D 110 -3.89 -14.40 -28.53
CA LYS D 110 -5.20 -15.09 -28.48
C LYS D 110 -6.01 -14.50 -27.33
N GLU D 111 -5.38 -14.38 -26.16
CA GLU D 111 -6.05 -13.81 -24.96
C GLU D 111 -6.49 -12.37 -25.24
N GLN D 112 -5.74 -11.63 -26.06
CA GLN D 112 -6.06 -10.20 -26.31
C GLN D 112 -6.91 -10.05 -27.57
N ARG D 113 -7.24 -11.16 -28.23
CA ARG D 113 -8.06 -11.12 -29.47
C ARG D 113 -7.36 -10.27 -30.54
N LEU D 114 -6.08 -10.48 -30.74
CA LEU D 114 -5.33 -9.76 -31.79
C LEU D 114 -5.19 -10.64 -33.03
N ASN D 115 -5.38 -10.07 -34.21
CA ASN D 115 -5.31 -10.87 -35.47
C ASN D 115 -4.05 -10.55 -36.29
N PHE D 116 -3.03 -11.40 -36.20
CA PHE D 116 -1.81 -11.24 -37.02
C PHE D 116 -1.78 -12.35 -38.07
N GLY D 117 -2.95 -12.81 -38.49
CA GLY D 117 -3.03 -13.94 -39.43
C GLY D 117 -2.18 -15.12 -38.98
N ASP D 118 -1.35 -15.63 -39.89
CA ASP D 118 -0.51 -16.81 -39.57
C ASP D 118 0.93 -16.40 -39.27
N ASP D 119 1.16 -15.10 -39.02
CA ASP D 119 2.53 -14.61 -38.76
C ASP D 119 3.20 -15.35 -37.61
N ILE D 120 2.51 -15.48 -36.46
CA ILE D 120 3.19 -16.12 -35.29
C ILE D 120 3.35 -17.63 -35.53
N PRO D 121 2.33 -18.38 -35.97
CA PRO D 121 2.55 -19.79 -36.24
C PRO D 121 3.64 -20.00 -37.30
N SER D 122 3.63 -19.19 -38.35
CA SER D 122 4.70 -19.29 -39.37
C SER D 122 6.07 -19.12 -38.72
N ALA D 123 6.18 -18.13 -37.83
CA ALA D 123 7.47 -17.87 -37.15
C ALA D 123 7.88 -19.05 -36.27
N LEU D 124 6.91 -19.65 -35.57
CA LEU D 124 7.25 -20.82 -34.73
C LEU D 124 7.77 -21.96 -35.61
N ARG D 125 7.20 -22.14 -36.79
CA ARG D 125 7.65 -23.23 -37.69
C ARG D 125 9.09 -22.98 -38.11
N ILE D 126 9.37 -21.76 -38.56
CA ILE D 126 10.77 -21.41 -38.93
C ILE D 126 11.67 -21.71 -37.74
N ALA D 127 11.29 -21.26 -36.55
CA ALA D 127 12.18 -21.41 -35.39
C ALA D 127 12.43 -22.88 -35.08
N LYS D 128 11.40 -23.71 -35.21
CA LYS D 128 11.56 -25.12 -34.79
C LYS D 128 12.36 -25.84 -35.88
N LYS D 129 12.13 -25.46 -37.13
CA LYS D 129 12.89 -26.08 -38.25
C LYS D 129 14.35 -25.70 -38.14
N LYS D 130 14.62 -24.40 -37.95
CA LYS D 130 16.03 -23.93 -37.84
C LYS D 130 16.69 -24.65 -36.67
N ARG D 131 15.98 -24.76 -35.55
CA ARG D 131 16.53 -25.49 -34.38
C ARG D 131 16.83 -26.93 -34.78
N TRP D 132 15.85 -27.57 -35.40
CA TRP D 132 16.04 -28.97 -35.82
C TRP D 132 17.20 -29.02 -36.80
N ASN D 133 17.18 -28.13 -37.78
CA ASN D 133 18.24 -28.08 -38.80
C ASN D 133 19.59 -27.97 -38.09
N SER D 134 19.60 -27.38 -36.89
CA SER D 134 20.87 -27.35 -36.11
C SER D 134 21.03 -28.67 -35.35
N ILE D 135 20.11 -29.01 -34.46
CA ILE D 135 20.22 -30.25 -33.64
C ILE D 135 20.45 -31.45 -34.56
N LEU E 3 5.39 -24.82 12.78
CA LEU E 3 5.28 -24.11 11.49
C LEU E 3 5.75 -22.66 11.64
N PRO E 4 6.83 -22.25 10.94
CA PRO E 4 7.40 -20.91 11.10
C PRO E 4 6.44 -19.79 10.68
N LYS E 5 6.32 -18.76 11.51
CA LYS E 5 5.49 -17.60 11.10
C LYS E 5 6.22 -16.91 9.94
N THR E 6 5.48 -16.44 8.96
CA THR E 6 6.09 -15.85 7.75
C THR E 6 5.22 -14.69 7.32
N PRO E 7 5.77 -13.57 6.79
CA PRO E 7 4.93 -12.49 6.32
C PRO E 7 4.21 -12.89 5.02
N ILE E 8 2.93 -12.52 4.89
CA ILE E 8 2.15 -12.95 3.71
C ILE E 8 2.50 -12.10 2.47
N PHE E 9 2.88 -10.83 2.67
CA PHE E 9 3.16 -9.94 1.53
C PHE E 9 4.55 -10.25 0.99
N ARG E 10 4.81 -11.53 0.72
CA ARG E 10 6.11 -11.95 0.17
C ARG E 10 5.84 -12.95 -0.95
N PRO E 11 6.71 -13.03 -1.98
CA PRO E 11 6.52 -14.01 -3.03
C PRO E 11 6.86 -15.42 -2.53
N ASP E 12 6.43 -16.43 -3.27
CA ASP E 12 6.76 -17.82 -2.91
C ASP E 12 7.85 -18.35 -3.85
N LEU F 3 26.87 6.61 4.07
CA LEU F 3 25.39 6.75 4.20
C LEU F 3 24.76 5.36 4.27
N PRO F 4 24.52 4.83 5.48
CA PRO F 4 23.83 3.56 5.62
C PRO F 4 22.50 3.63 4.86
N LYS F 5 22.29 2.71 3.92
CA LYS F 5 21.04 2.70 3.14
C LYS F 5 19.92 2.15 4.05
N THR F 6 18.76 2.79 4.02
CA THR F 6 17.62 2.38 4.88
C THR F 6 16.35 2.42 4.04
N PRO F 7 15.28 1.65 4.35
CA PRO F 7 14.02 1.76 3.62
C PRO F 7 13.25 3.03 4.05
N ILE F 8 12.63 3.72 3.10
CA ILE F 8 11.89 4.96 3.41
C ILE F 8 10.62 4.64 4.22
N PHE F 9 9.91 3.58 3.86
CA PHE F 9 8.61 3.27 4.51
C PHE F 9 8.85 2.65 5.88
N ARG F 10 9.62 3.34 6.72
CA ARG F 10 9.93 2.85 8.07
C ARG F 10 9.90 4.01 9.04
N PRO F 11 9.59 3.78 10.34
CA PRO F 11 9.52 4.85 11.29
C PRO F 11 10.91 5.28 11.75
N ASP F 12 11.02 6.52 12.24
CA ASP F 12 12.30 7.00 12.80
C ASP F 12 12.19 6.95 14.34
N THR G 6 -21.51 22.28 26.56
CA THR G 6 -21.75 20.85 26.87
C THR G 6 -20.84 20.38 27.99
N PRO G 7 -21.34 19.62 29.01
CA PRO G 7 -20.47 19.06 30.03
C PRO G 7 -19.62 17.91 29.43
N ILE G 8 -18.37 17.80 29.84
CA ILE G 8 -17.46 16.75 29.31
C ILE G 8 -17.85 15.37 29.85
N PHE G 9 -18.29 15.28 31.11
CA PHE G 9 -18.55 13.96 31.72
C PHE G 9 -19.89 13.41 31.23
N ARG G 10 -20.05 13.36 29.91
CA ARG G 10 -21.30 12.87 29.32
C ARG G 10 -20.96 11.95 28.15
N PRO G 11 -21.83 10.97 27.82
CA PRO G 11 -21.57 10.10 26.70
C PRO G 11 -21.88 10.80 25.37
N ASP G 12 -21.30 10.28 24.30
CA ASP G 12 -21.59 10.82 22.96
C ASP G 12 -22.59 9.89 22.25
N PRO H 4 -8.89 -6.39 -37.69
CA PRO H 4 -8.59 -7.00 -38.98
C PRO H 4 -7.22 -7.67 -38.95
N LYS H 5 -7.01 -8.65 -39.82
CA LYS H 5 -5.68 -9.29 -39.90
C LYS H 5 -4.66 -8.18 -40.16
N THR H 6 -3.55 -8.21 -39.44
CA THR H 6 -2.56 -7.12 -39.56
C THR H 6 -1.17 -7.75 -39.61
N PRO H 7 -0.19 -7.18 -40.33
CA PRO H 7 1.16 -7.72 -40.27
C PRO H 7 1.76 -7.45 -38.88
N ILE H 8 2.51 -8.39 -38.32
CA ILE H 8 3.06 -8.23 -36.96
C ILE H 8 4.39 -7.46 -36.98
N PHE H 9 5.14 -7.56 -38.07
CA PHE H 9 6.46 -6.88 -38.14
C PHE H 9 6.20 -5.43 -38.51
N ARG H 10 5.33 -4.79 -37.74
CA ARG H 10 4.96 -3.39 -38.01
C ARG H 10 4.92 -2.65 -36.69
N PRO H 11 5.26 -1.34 -36.64
CA PRO H 11 5.25 -0.63 -35.39
C PRO H 11 3.78 -0.38 -35.02
N ASP H 12 3.56 -0.07 -33.75
CA ASP H 12 2.18 0.29 -33.34
C ASP H 12 2.11 1.81 -33.17
#